data_1D8Y
#
_entry.id   1D8Y
#
_cell.length_a   101.88
_cell.length_b   101.88
_cell.length_c   85.18
_cell.angle_alpha   90.00
_cell.angle_beta   90.00
_cell.angle_gamma   90.00
#
_symmetry.space_group_name_H-M   'P 43'
#
loop_
_entity.id
_entity.type
_entity.pdbx_description
1 polymer 'D(T)19 OLIGOMER'
2 polymer 'DNA POLYMERASE I'
3 non-polymer 'ZINC ION'
4 non-polymer 'SULFATE ION'
5 water water
#
loop_
_entity_poly.entity_id
_entity_poly.type
_entity_poly.pdbx_seq_one_letter_code
_entity_poly.pdbx_strand_id
1 'polydeoxyribonucleotide' (DT)(DT)(DT)(DT)(DT)(DT)(DT)(DT)(DT)(DT)(DT)(DT)(DT)(DT)(DT)(DT)(DT)(DT)(DT) B
2 'polypeptide(L)'
;MISYDNYVTILDEETLKAWIAKLEKAPVFAFATATDSLDNISANLVGLSFAIEPGVAAYIPVAHDYLDAPDQISRERALE
LLKPLLEDEKALKVGQNLKYDRGILANYGIELRGIAFDTMLESYILNSVAGRHDMDSLAERWLKHKTITFEEIAGKGKNQ
LTFNQIALEEAGRYAAEDADVTLQLHLKMWPDLQKHKGPLNVFENIEMPLVPVLSRIERNGVKIDPKVLHNHSEELTLRL
AELEKKAHEIAGEEFNLSSTKQLQTILFEKQGIKPLKKTPGGAPSTSEEVLEELALDYPLPKVILEYRGLAKLKSTYTDK
LPLMINPKTGRVHTSYHQAVTATGRLSSTDPNLQNIPVRNEEGRRIRQAFIAPEDYVIVSADYSQIELRIMAHLSRDKGL
LTAFAEGKDIHRATAAEVFGLPLETVTSEQRRSAKAINFGLIYGMSAFGLARQLNIPRKEAQKYMDLYFERYPGVLEYME
RTRAQAKEQGYVETLDGRRLYLPDIKSSNGARRAAAERAAINAPMQGTAADIIKRAMIAVDAWLQAEQPRVRMIMQVHDE
LVFEVHKDDVDAVAKQIHQLMENCTRLDVPLLVEVGSGENWDQAH
;
A
#
loop_
_chem_comp.id
_chem_comp.type
_chem_comp.name
_chem_comp.formula
DT DNA linking THYMIDINE-5'-MONOPHOSPHATE 'C10 H15 N2 O8 P'
SO4 non-polymer 'SULFATE ION' 'O4 S -2'
ZN non-polymer 'ZINC ION' 'Zn 2'
#
# COMPACT_ATOMS: atom_id res chain seq x y z
N MET B 1 -13.93 17.91 -29.10
CA MET B 1 -14.13 18.32 -27.69
C MET B 1 -15.54 18.02 -27.22
N ILE B 2 -15.71 17.95 -25.91
CA ILE B 2 -17.01 17.72 -25.32
C ILE B 2 -17.62 19.12 -25.23
N SER B 3 -18.87 19.25 -25.65
CA SER B 3 -19.56 20.54 -25.57
C SER B 3 -20.72 20.32 -24.61
N TYR B 4 -21.68 21.24 -24.63
CA TYR B 4 -22.85 21.13 -23.77
C TYR B 4 -23.90 20.29 -24.45
N ASP B 5 -23.64 19.89 -25.69
CA ASP B 5 -24.59 19.07 -26.45
C ASP B 5 -24.49 17.56 -26.17
N ASN B 6 -23.38 17.12 -25.58
CA ASN B 6 -23.16 15.71 -25.33
C ASN B 6 -23.98 15.07 -24.22
N TYR B 7 -24.02 15.74 -23.07
CA TYR B 7 -24.71 15.17 -21.94
C TYR B 7 -25.76 16.09 -21.33
N VAL B 8 -26.77 15.51 -20.70
CA VAL B 8 -27.83 16.29 -20.12
C VAL B 8 -27.50 16.71 -18.70
N THR B 9 -28.06 17.85 -18.32
CA THR B 9 -27.90 18.35 -16.97
C THR B 9 -29.31 18.16 -16.40
N ILE B 10 -29.39 17.38 -15.33
CA ILE B 10 -30.69 17.12 -14.71
C ILE B 10 -30.95 18.13 -13.60
N LEU B 11 -31.96 18.95 -13.81
CA LEU B 11 -32.32 20.01 -12.86
C LEU B 11 -33.72 19.84 -12.28
N ASP B 12 -34.44 18.81 -12.71
CA ASP B 12 -35.79 18.59 -12.19
C ASP B 12 -36.02 17.13 -11.81
N GLU B 13 -36.80 16.93 -10.75
CA GLU B 13 -37.16 15.60 -10.23
C GLU B 13 -37.71 14.63 -11.26
N GLU B 14 -38.67 15.10 -12.03
CA GLU B 14 -39.30 14.27 -13.04
C GLU B 14 -38.25 13.60 -13.92
N THR B 15 -37.31 14.39 -14.41
CA THR B 15 -36.24 13.88 -15.26
C THR B 15 -35.36 12.92 -14.45
N LEU B 16 -35.09 13.23 -13.18
CA LEU B 16 -34.26 12.34 -12.37
C LEU B 16 -34.94 10.97 -12.23
N LYS B 17 -36.21 10.98 -11.87
CA LYS B 17 -36.94 9.73 -11.71
C LYS B 17 -36.95 8.93 -13.01
N ALA B 18 -37.05 9.61 -14.14
CA ALA B 18 -37.01 8.92 -15.42
C ALA B 18 -35.65 8.21 -15.55
N TRP B 19 -34.57 8.89 -15.18
CA TRP B 19 -33.26 8.28 -15.29
C TRP B 19 -33.15 7.10 -14.32
N ILE B 20 -33.59 7.31 -13.08
CA ILE B 20 -33.58 6.24 -12.07
C ILE B 20 -34.22 4.99 -12.65
N ALA B 21 -35.37 5.16 -13.29
CA ALA B 21 -36.07 4.03 -13.90
C ALA B 21 -35.21 3.31 -14.95
N LYS B 22 -34.54 4.08 -15.80
CA LYS B 22 -33.68 3.46 -16.81
C LYS B 22 -32.51 2.77 -16.12
N LEU B 23 -31.91 3.43 -15.13
CA LEU B 23 -30.78 2.87 -14.40
C LEU B 23 -31.16 1.52 -13.77
N GLU B 24 -32.37 1.43 -13.22
CA GLU B 24 -32.84 0.21 -12.57
C GLU B 24 -32.87 -0.98 -13.51
N LYS B 25 -33.08 -0.75 -14.80
CA LYS B 25 -33.13 -1.87 -15.72
C LYS B 25 -31.89 -2.05 -16.55
N ALA B 26 -30.90 -1.17 -16.37
CA ALA B 26 -29.66 -1.30 -17.11
C ALA B 26 -28.84 -2.46 -16.51
N PRO B 27 -28.07 -3.19 -17.35
CA PRO B 27 -27.25 -4.32 -16.87
C PRO B 27 -26.18 -3.85 -15.90
N VAL B 28 -25.55 -2.73 -16.23
CA VAL B 28 -24.53 -2.10 -15.39
C VAL B 28 -24.54 -0.61 -15.75
N PHE B 29 -24.08 0.24 -14.85
CA PHE B 29 -24.01 1.65 -15.17
C PHE B 29 -22.86 2.28 -14.42
N ALA B 30 -22.22 3.27 -15.03
CA ALA B 30 -21.10 3.97 -14.39
C ALA B 30 -21.70 4.99 -13.44
N PHE B 31 -21.03 5.23 -12.33
CA PHE B 31 -21.50 6.15 -11.29
C PHE B 31 -20.31 6.89 -10.71
N ALA B 32 -20.55 8.15 -10.32
CA ALA B 32 -19.51 8.96 -9.71
C ALA B 32 -20.08 10.13 -8.93
N THR B 33 -19.45 10.43 -7.82
CA THR B 33 -19.88 11.55 -7.01
C THR B 33 -18.94 12.73 -7.30
N ALA B 34 -19.50 13.94 -7.30
CA ALA B 34 -18.68 15.13 -7.51
C ALA B 34 -18.71 15.76 -6.11
N THR B 35 -17.59 16.28 -5.66
CA THR B 35 -17.53 16.86 -4.32
C THR B 35 -16.75 18.16 -4.27
N ASP B 36 -16.63 18.73 -3.07
CA ASP B 36 -15.87 19.96 -2.89
C ASP B 36 -14.51 19.74 -2.23
N SER B 37 -14.08 18.48 -2.13
CA SER B 37 -12.79 18.19 -1.51
C SER B 37 -12.29 16.78 -1.76
N LEU B 38 -10.97 16.63 -1.71
CA LEU B 38 -10.36 15.31 -1.85
C LEU B 38 -10.51 14.57 -0.53
N ASP B 39 -10.47 15.31 0.58
CA ASP B 39 -10.61 14.69 1.90
C ASP B 39 -11.99 14.06 2.03
N ASN B 40 -12.01 12.74 1.98
CA ASN B 40 -13.25 11.98 2.02
C ASN B 40 -14.17 12.29 3.19
N ILE B 41 -13.67 12.24 4.42
CA ILE B 41 -14.53 12.49 5.58
C ILE B 41 -15.16 13.88 5.64
N SER B 42 -14.44 14.90 5.18
CA SER B 42 -14.99 16.26 5.25
C SER B 42 -15.64 16.78 3.96
N ALA B 43 -15.49 16.02 2.88
CA ALA B 43 -16.04 16.41 1.59
C ALA B 43 -17.56 16.44 1.58
N ASN B 44 -18.11 17.42 0.89
CA ASN B 44 -19.55 17.56 0.74
C ASN B 44 -19.89 17.11 -0.67
N LEU B 45 -20.97 16.36 -0.83
CA LEU B 45 -21.38 15.93 -2.15
C LEU B 45 -21.92 17.16 -2.88
N VAL B 46 -21.47 17.37 -4.11
CA VAL B 46 -21.88 18.53 -4.92
C VAL B 46 -22.71 18.13 -6.12
N GLY B 47 -22.55 16.88 -6.54
CA GLY B 47 -23.31 16.37 -7.67
C GLY B 47 -23.09 14.89 -7.91
N LEU B 48 -23.86 14.31 -8.83
CA LEU B 48 -23.73 12.90 -9.16
C LEU B 48 -23.82 12.73 -10.66
N SER B 49 -23.04 11.81 -11.20
CA SER B 49 -23.08 11.55 -12.64
C SER B 49 -23.33 10.06 -12.87
N PHE B 50 -24.04 9.75 -13.95
CA PHE B 50 -24.34 8.37 -14.32
C PHE B 50 -24.21 8.20 -15.83
N ALA B 51 -23.88 6.99 -16.25
CA ALA B 51 -23.77 6.65 -17.66
C ALA B 51 -24.50 5.33 -17.77
N ILE B 52 -25.51 5.28 -18.65
CA ILE B 52 -26.28 4.05 -18.80
C ILE B 52 -25.85 3.28 -20.03
N GLU B 53 -25.20 3.97 -20.95
CA GLU B 53 -24.83 3.37 -22.22
C GLU B 53 -23.75 4.26 -22.82
N PRO B 54 -22.87 3.69 -23.67
CA PRO B 54 -21.84 4.56 -24.25
C PRO B 54 -22.55 5.73 -24.95
N GLY B 55 -22.11 6.96 -24.64
CA GLY B 55 -22.70 8.14 -25.25
C GLY B 55 -23.97 8.64 -24.58
N VAL B 56 -24.44 7.93 -23.56
CA VAL B 56 -25.66 8.32 -22.87
C VAL B 56 -25.33 8.52 -21.39
N ALA B 57 -25.08 9.77 -21.00
CA ALA B 57 -24.71 10.08 -19.62
C ALA B 57 -25.32 11.38 -19.14
N ALA B 58 -25.41 11.55 -17.82
CA ALA B 58 -25.99 12.74 -17.23
C ALA B 58 -25.27 13.18 -15.99
N TYR B 59 -25.41 14.46 -15.68
CA TYR B 59 -24.83 15.02 -14.47
C TYR B 59 -25.99 15.69 -13.73
N ILE B 60 -26.05 15.41 -12.43
CA ILE B 60 -27.10 15.95 -11.56
C ILE B 60 -26.46 16.84 -10.49
N PRO B 61 -26.40 18.16 -10.73
CA PRO B 61 -25.81 19.08 -9.76
C PRO B 61 -26.79 19.26 -8.62
N VAL B 62 -26.31 19.36 -7.39
CA VAL B 62 -27.23 19.53 -6.28
C VAL B 62 -26.75 20.59 -5.31
N ALA B 63 -25.44 20.84 -5.25
CA ALA B 63 -24.94 21.85 -4.32
C ALA B 63 -23.96 22.88 -4.93
N HIS B 64 -24.16 23.24 -6.19
CA HIS B 64 -23.31 24.26 -6.79
C HIS B 64 -23.87 25.55 -6.21
N ASP B 65 -23.02 26.37 -5.62
CA ASP B 65 -23.49 27.56 -4.97
C ASP B 65 -22.78 28.85 -5.32
N TYR B 66 -22.24 28.95 -6.53
CA TYR B 66 -21.57 30.18 -6.93
C TYR B 66 -22.67 31.23 -7.09
N LEU B 67 -22.27 32.49 -7.24
CA LEU B 67 -23.21 33.60 -7.41
C LEU B 67 -24.22 33.33 -8.55
N ASP B 68 -25.50 33.40 -8.22
CA ASP B 68 -26.59 33.19 -9.18
C ASP B 68 -26.73 31.79 -9.79
N ALA B 69 -26.23 30.78 -9.09
CA ALA B 69 -26.34 29.41 -9.60
C ALA B 69 -27.82 29.10 -9.85
N PRO B 70 -28.14 28.47 -10.98
CA PRO B 70 -29.54 28.13 -11.27
C PRO B 70 -30.09 27.13 -10.24
N ASP B 71 -31.41 27.03 -10.11
CA ASP B 71 -32.01 26.10 -9.16
C ASP B 71 -31.67 24.65 -9.49
N GLN B 72 -31.38 23.88 -8.47
CA GLN B 72 -31.03 22.48 -8.65
C GLN B 72 -31.85 21.62 -7.71
N ILE B 73 -31.94 20.32 -8.00
CA ILE B 73 -32.63 19.41 -7.10
C ILE B 73 -31.75 19.50 -5.85
N SER B 74 -32.37 19.48 -4.68
CA SER B 74 -31.60 19.57 -3.43
C SER B 74 -30.85 18.27 -3.18
N ARG B 75 -29.75 18.36 -2.44
CA ARG B 75 -28.93 17.18 -2.13
C ARG B 75 -29.76 16.11 -1.41
N GLU B 76 -30.48 16.52 -0.37
CA GLU B 76 -31.31 15.57 0.38
C GLU B 76 -32.36 14.90 -0.49
N ARG B 77 -33.01 15.66 -1.36
CA ARG B 77 -34.02 15.10 -2.23
C ARG B 77 -33.42 14.15 -3.26
N ALA B 78 -32.31 14.54 -3.88
CA ALA B 78 -31.68 13.69 -4.88
C ALA B 78 -31.24 12.38 -4.24
N LEU B 79 -30.61 12.48 -3.07
CA LEU B 79 -30.15 11.31 -2.35
C LEU B 79 -31.27 10.39 -1.88
N GLU B 80 -32.39 10.95 -1.42
CA GLU B 80 -33.48 10.07 -0.97
C GLU B 80 -34.09 9.31 -2.14
N LEU B 81 -34.08 9.91 -3.33
CA LEU B 81 -34.62 9.22 -4.50
C LEU B 81 -33.64 8.19 -5.03
N LEU B 82 -32.35 8.47 -4.86
CA LEU B 82 -31.28 7.60 -5.33
C LEU B 82 -30.87 6.49 -4.36
N LYS B 83 -31.10 6.72 -3.07
CA LYS B 83 -30.72 5.77 -2.04
C LYS B 83 -31.04 4.30 -2.36
N PRO B 84 -32.28 3.99 -2.74
CA PRO B 84 -32.64 2.59 -3.05
C PRO B 84 -31.73 1.99 -4.12
N LEU B 85 -31.58 2.70 -5.22
CA LEU B 85 -30.72 2.23 -6.30
C LEU B 85 -29.28 2.02 -5.78
N LEU B 86 -28.75 3.02 -5.09
CA LEU B 86 -27.38 2.92 -4.59
C LEU B 86 -27.13 1.80 -3.58
N GLU B 87 -28.10 1.54 -2.71
CA GLU B 87 -27.94 0.51 -1.71
C GLU B 87 -28.38 -0.88 -2.17
N ASP B 88 -28.87 -0.98 -3.41
CA ASP B 88 -29.29 -2.27 -3.95
C ASP B 88 -28.07 -3.05 -4.46
N GLU B 89 -27.73 -4.14 -3.77
CA GLU B 89 -26.57 -4.94 -4.14
C GLU B 89 -26.75 -5.53 -5.54
N LYS B 90 -28.00 -5.68 -5.98
CA LYS B 90 -28.31 -6.22 -7.30
C LYS B 90 -28.11 -5.22 -8.45
N ALA B 91 -28.06 -3.93 -8.12
CA ALA B 91 -27.84 -2.89 -9.13
C ALA B 91 -26.32 -2.73 -9.21
N LEU B 92 -25.74 -3.26 -10.28
CA LEU B 92 -24.29 -3.22 -10.43
C LEU B 92 -23.74 -1.91 -10.96
N LYS B 93 -22.81 -1.33 -10.22
CA LYS B 93 -22.16 -0.10 -10.63
C LYS B 93 -20.73 -0.32 -11.11
N VAL B 94 -20.32 0.51 -12.06
CA VAL B 94 -18.97 0.55 -12.59
C VAL B 94 -18.48 1.96 -12.21
N GLY B 95 -17.21 2.09 -11.84
CA GLY B 95 -16.69 3.41 -11.50
C GLY B 95 -15.18 3.42 -11.49
N GLN B 96 -14.59 4.61 -11.38
CA GLN B 96 -13.13 4.77 -11.32
C GLN B 96 -12.74 5.09 -9.86
N ASN B 97 -12.14 4.12 -9.20
CA ASN B 97 -11.77 4.22 -7.78
C ASN B 97 -13.05 4.47 -6.97
N LEU B 98 -13.91 3.46 -6.95
CA LEU B 98 -15.18 3.52 -6.26
C LEU B 98 -14.99 3.66 -4.75
N LYS B 99 -13.76 3.42 -4.27
CA LYS B 99 -13.47 3.57 -2.84
C LYS B 99 -13.79 5.00 -2.41
N TYR B 100 -13.40 5.95 -3.24
CA TYR B 100 -13.68 7.36 -2.96
C TYR B 100 -15.19 7.58 -2.85
N ASP B 101 -15.91 7.24 -3.91
CA ASP B 101 -17.35 7.43 -4.00
C ASP B 101 -18.12 6.73 -2.88
N ARG B 102 -17.71 5.51 -2.55
CA ARG B 102 -18.38 4.75 -1.48
C ARG B 102 -18.32 5.59 -0.21
N GLY B 103 -17.13 6.15 0.06
CA GLY B 103 -16.95 6.97 1.24
C GLY B 103 -17.84 8.21 1.30
N ILE B 104 -17.90 8.93 0.17
CA ILE B 104 -18.71 10.15 0.09
C ILE B 104 -20.17 9.84 0.44
N LEU B 105 -20.72 8.77 -0.14
CA LEU B 105 -22.11 8.41 0.12
C LEU B 105 -22.27 8.04 1.60
N ALA B 106 -21.20 7.54 2.20
CA ALA B 106 -21.20 7.15 3.61
C ALA B 106 -21.32 8.37 4.54
N ASN B 107 -21.07 9.56 4.02
CA ASN B 107 -21.20 10.78 4.82
C ASN B 107 -22.68 11.11 4.98
N TYR B 108 -23.52 10.49 4.16
CA TYR B 108 -24.95 10.73 4.19
C TYR B 108 -25.74 9.53 4.70
N GLY B 109 -25.06 8.59 5.36
CA GLY B 109 -25.73 7.42 5.89
C GLY B 109 -26.16 6.43 4.81
N ILE B 110 -25.52 6.52 3.64
CA ILE B 110 -25.83 5.63 2.54
C ILE B 110 -24.72 4.62 2.38
N GLU B 111 -25.11 3.35 2.21
CA GLU B 111 -24.20 2.23 2.05
C GLU B 111 -24.23 1.73 0.64
N LEU B 112 -23.26 2.17 -0.15
CA LEU B 112 -23.15 1.78 -1.55
C LEU B 112 -22.95 0.26 -1.64
N ARG B 113 -23.81 -0.39 -2.41
CA ARG B 113 -23.69 -1.82 -2.62
C ARG B 113 -23.59 -2.01 -4.13
N GLY B 114 -23.39 -3.25 -4.55
CA GLY B 114 -23.27 -3.51 -5.96
C GLY B 114 -22.02 -2.88 -6.55
N ILE B 115 -20.98 -2.78 -5.72
CA ILE B 115 -19.70 -2.23 -6.14
C ILE B 115 -19.04 -3.39 -6.90
N ALA B 116 -19.43 -3.53 -8.16
CA ALA B 116 -18.96 -4.63 -9.01
C ALA B 116 -17.73 -4.44 -9.88
N PHE B 117 -17.56 -3.23 -10.42
CA PHE B 117 -16.42 -2.96 -11.29
C PHE B 117 -15.79 -1.62 -11.04
N ASP B 118 -14.46 -1.63 -10.95
CA ASP B 118 -13.66 -0.44 -10.75
C ASP B 118 -12.63 -0.49 -11.87
N THR B 119 -12.78 0.40 -12.85
CA THR B 119 -11.89 0.45 -14.00
C THR B 119 -10.44 0.65 -13.61
N MET B 120 -10.20 1.32 -12.48
CA MET B 120 -8.84 1.52 -12.01
C MET B 120 -8.25 0.13 -11.70
N LEU B 121 -9.05 -0.72 -11.05
CA LEU B 121 -8.64 -2.05 -10.68
C LEU B 121 -8.65 -3.03 -11.85
N GLU B 122 -9.52 -2.78 -12.83
CA GLU B 122 -9.56 -3.66 -13.98
C GLU B 122 -8.23 -3.52 -14.69
N SER B 123 -7.82 -2.26 -14.83
CA SER B 123 -6.59 -1.92 -15.49
C SER B 123 -5.39 -2.47 -14.73
N TYR B 124 -5.40 -2.25 -13.42
CA TYR B 124 -4.33 -2.70 -12.55
C TYR B 124 -4.11 -4.22 -12.62
N ILE B 125 -5.19 -4.99 -12.66
CA ILE B 125 -5.12 -6.44 -12.71
C ILE B 125 -4.73 -6.94 -14.09
N LEU B 126 -5.17 -6.23 -15.14
CA LEU B 126 -4.84 -6.62 -16.51
C LEU B 126 -3.32 -6.55 -16.73
N ASN B 127 -2.70 -5.47 -16.25
CA ASN B 127 -1.26 -5.28 -16.36
C ASN B 127 -0.81 -4.15 -15.44
N SER B 128 -0.48 -4.51 -14.21
CA SER B 128 -0.07 -3.56 -13.18
C SER B 128 1.01 -2.56 -13.59
N VAL B 129 1.90 -2.94 -14.50
CA VAL B 129 2.97 -2.03 -14.90
C VAL B 129 2.80 -1.41 -16.27
N ALA B 130 1.60 -1.56 -16.86
CA ALA B 130 1.35 -0.98 -18.18
C ALA B 130 1.48 0.53 -18.16
N GLY B 131 1.32 1.12 -16.97
CA GLY B 131 1.40 2.55 -16.81
C GLY B 131 0.43 3.00 -15.73
N ARG B 132 0.32 4.31 -15.52
CA ARG B 132 -0.59 4.83 -14.51
C ARG B 132 -2.01 4.35 -14.76
N HIS B 133 -2.77 4.24 -13.67
CA HIS B 133 -4.15 3.76 -13.76
C HIS B 133 -5.20 4.84 -13.43
N ASP B 134 -4.82 6.10 -13.59
CA ASP B 134 -5.74 7.19 -13.34
C ASP B 134 -6.61 7.23 -14.61
N MET B 135 -7.79 7.84 -14.52
CA MET B 135 -8.65 7.83 -15.68
C MET B 135 -8.16 8.57 -16.92
N ASP B 136 -7.43 9.66 -16.75
CA ASP B 136 -6.94 10.37 -17.91
C ASP B 136 -5.99 9.44 -18.68
N SER B 137 -5.14 8.72 -17.95
CA SER B 137 -4.20 7.79 -18.58
C SER B 137 -4.93 6.63 -19.25
N LEU B 138 -5.93 6.08 -18.57
CA LEU B 138 -6.70 4.97 -19.09
C LEU B 138 -7.48 5.32 -20.35
N ALA B 139 -8.07 6.51 -20.38
CA ALA B 139 -8.86 6.95 -21.52
C ALA B 139 -7.96 7.02 -22.77
N GLU B 140 -6.75 7.56 -22.57
CA GLU B 140 -5.81 7.70 -23.65
C GLU B 140 -5.24 6.35 -24.13
N ARG B 141 -4.80 5.54 -23.17
CA ARG B 141 -4.21 4.23 -23.48
C ARG B 141 -5.21 3.23 -24.07
N TRP B 142 -6.43 3.22 -23.57
CA TRP B 142 -7.41 2.25 -24.07
C TRP B 142 -8.38 2.76 -25.10
N LEU B 143 -8.64 4.06 -25.11
CA LEU B 143 -9.61 4.60 -26.06
C LEU B 143 -9.07 5.70 -26.94
N LYS B 144 -7.78 6.02 -26.81
CA LYS B 144 -7.16 7.09 -27.59
C LYS B 144 -8.03 8.32 -27.47
N HIS B 145 -8.56 8.52 -26.26
CA HIS B 145 -9.43 9.65 -25.98
C HIS B 145 -8.88 10.49 -24.85
N LYS B 146 -8.75 11.78 -25.10
CA LYS B 146 -8.24 12.70 -24.09
C LYS B 146 -9.38 13.37 -23.32
N THR B 147 -9.56 12.90 -22.10
CA THR B 147 -10.59 13.39 -21.22
C THR B 147 -10.28 14.79 -20.69
N ILE B 148 -11.34 15.52 -20.36
CA ILE B 148 -11.19 16.84 -19.79
C ILE B 148 -10.56 16.60 -18.43
N THR B 149 -9.49 17.30 -18.12
CA THR B 149 -8.84 17.10 -16.83
C THR B 149 -9.46 17.94 -15.72
N PHE B 150 -9.23 17.54 -14.48
CA PHE B 150 -9.81 18.30 -13.37
C PHE B 150 -9.24 19.71 -13.37
N GLU B 151 -7.95 19.83 -13.66
CA GLU B 151 -7.31 21.13 -13.69
C GLU B 151 -7.89 21.98 -14.83
N GLU B 152 -8.33 21.33 -15.90
CA GLU B 152 -8.92 22.07 -17.02
C GLU B 152 -10.25 22.77 -16.68
N ILE B 153 -11.07 22.19 -15.81
CA ILE B 153 -12.31 22.87 -15.45
C ILE B 153 -12.21 23.63 -14.14
N ALA B 154 -11.29 23.23 -13.27
CA ALA B 154 -11.18 23.88 -11.97
C ALA B 154 -10.01 24.86 -11.82
N GLY B 155 -8.99 24.72 -12.65
CA GLY B 155 -7.85 25.60 -12.54
C GLY B 155 -6.71 24.90 -11.83
N LYS B 156 -5.68 25.67 -11.45
CA LYS B 156 -4.51 25.11 -10.77
C LYS B 156 -4.03 25.99 -9.63
N GLY B 157 -3.13 25.44 -8.82
CA GLY B 157 -2.58 26.20 -7.72
C GLY B 157 -3.59 26.56 -6.66
N LYS B 158 -3.13 27.29 -5.63
CA LYS B 158 -4.01 27.72 -4.54
C LYS B 158 -5.34 28.28 -5.03
N ASN B 159 -5.33 28.92 -6.19
CA ASN B 159 -6.56 29.49 -6.72
C ASN B 159 -7.42 28.49 -7.52
N GLN B 160 -7.30 27.20 -7.20
CA GLN B 160 -8.10 26.20 -7.89
C GLN B 160 -9.50 26.21 -7.27
N LEU B 161 -10.53 26.29 -8.11
CA LEU B 161 -11.90 26.31 -7.65
C LEU B 161 -12.30 24.93 -7.13
N THR B 162 -13.28 24.91 -6.23
CA THR B 162 -13.81 23.64 -5.71
C THR B 162 -15.00 23.41 -6.64
N PHE B 163 -15.29 22.16 -6.95
CA PHE B 163 -16.36 21.82 -7.88
C PHE B 163 -17.70 22.58 -7.76
N ASN B 164 -18.11 22.92 -6.54
CA ASN B 164 -19.37 23.63 -6.32
C ASN B 164 -19.33 25.05 -6.88
N GLN B 165 -18.14 25.53 -7.22
CA GLN B 165 -17.99 26.88 -7.76
C GLN B 165 -18.04 26.89 -9.27
N ILE B 166 -17.98 25.70 -9.86
CA ILE B 166 -17.98 25.57 -11.31
C ILE B 166 -19.39 25.65 -11.90
N ALA B 167 -19.51 26.33 -13.04
CA ALA B 167 -20.80 26.48 -13.69
C ALA B 167 -21.42 25.12 -13.99
N LEU B 168 -22.72 25.01 -13.78
CA LEU B 168 -23.48 23.78 -14.01
C LEU B 168 -23.13 22.99 -15.26
N GLU B 169 -23.12 23.67 -16.40
CA GLU B 169 -22.82 23.00 -17.66
C GLU B 169 -21.36 22.57 -17.82
N GLU B 170 -20.42 23.37 -17.31
CA GLU B 170 -19.02 23.00 -17.40
C GLU B 170 -18.76 21.83 -16.46
N ALA B 171 -19.41 21.85 -15.30
CA ALA B 171 -19.23 20.76 -14.36
C ALA B 171 -19.75 19.49 -15.00
N GLY B 172 -20.88 19.61 -15.71
CA GLY B 172 -21.50 18.48 -16.40
C GLY B 172 -20.63 17.86 -17.47
N ARG B 173 -19.99 18.69 -18.32
CA ARG B 173 -19.11 18.18 -19.38
C ARG B 173 -18.07 17.30 -18.74
N TYR B 174 -17.44 17.82 -17.68
CA TYR B 174 -16.40 17.06 -17.00
C TYR B 174 -16.89 15.76 -16.35
N ALA B 175 -17.91 15.88 -15.52
CA ALA B 175 -18.42 14.72 -14.80
C ALA B 175 -19.14 13.69 -15.68
N ALA B 176 -20.02 14.14 -16.56
CA ALA B 176 -20.72 13.19 -17.42
C ALA B 176 -19.74 12.51 -18.38
N GLU B 177 -18.72 13.25 -18.86
CA GLU B 177 -17.74 12.62 -19.73
C GLU B 177 -17.01 11.53 -18.96
N ASP B 178 -16.63 11.81 -17.71
CA ASP B 178 -15.93 10.82 -16.90
C ASP B 178 -16.75 9.55 -16.75
N ALA B 179 -18.05 9.72 -16.52
CA ALA B 179 -18.97 8.59 -16.35
C ALA B 179 -19.05 7.79 -17.63
N ASP B 180 -19.29 8.49 -18.74
CA ASP B 180 -19.39 7.84 -20.04
C ASP B 180 -18.12 7.06 -20.37
N VAL B 181 -16.96 7.71 -20.23
CA VAL B 181 -15.69 7.08 -20.51
C VAL B 181 -15.42 5.88 -19.59
N THR B 182 -15.82 6.01 -18.32
CA THR B 182 -15.62 4.93 -17.38
C THR B 182 -16.35 3.70 -17.85
N LEU B 183 -17.58 3.90 -18.31
CA LEU B 183 -18.37 2.78 -18.82
C LEU B 183 -17.71 2.18 -20.06
N GLN B 184 -17.19 3.05 -20.93
CA GLN B 184 -16.53 2.57 -22.14
C GLN B 184 -15.27 1.80 -21.81
N LEU B 185 -14.49 2.32 -20.86
CA LEU B 185 -13.29 1.64 -20.40
C LEU B 185 -13.67 0.25 -19.92
N HIS B 186 -14.71 0.19 -19.10
CA HIS B 186 -15.18 -1.08 -18.56
C HIS B 186 -15.55 -2.06 -19.67
N LEU B 187 -16.32 -1.58 -20.65
CA LEU B 187 -16.75 -2.38 -21.77
C LEU B 187 -15.60 -2.94 -22.60
N LYS B 188 -14.44 -2.29 -22.55
CA LYS B 188 -13.29 -2.78 -23.28
C LYS B 188 -12.39 -3.70 -22.44
N MET B 189 -12.18 -3.35 -21.18
CA MET B 189 -11.33 -4.13 -20.30
C MET B 189 -11.96 -5.38 -19.70
N TRP B 190 -13.22 -5.28 -19.28
CA TRP B 190 -13.88 -6.43 -18.67
C TRP B 190 -13.84 -7.69 -19.56
N PRO B 191 -14.17 -7.55 -20.86
CA PRO B 191 -14.12 -8.76 -21.71
C PRO B 191 -12.69 -9.33 -21.71
N ASP B 192 -11.70 -8.45 -21.75
CA ASP B 192 -10.31 -8.87 -21.73
C ASP B 192 -9.98 -9.59 -20.42
N LEU B 193 -10.37 -8.98 -19.31
CA LEU B 193 -10.13 -9.54 -17.98
C LEU B 193 -10.57 -11.00 -17.83
N GLN B 194 -11.34 -11.50 -18.79
CA GLN B 194 -11.78 -12.88 -18.65
C GLN B 194 -11.05 -13.85 -19.57
N LYS B 195 -10.02 -13.35 -20.26
CA LYS B 195 -9.23 -14.21 -21.12
C LYS B 195 -8.37 -15.12 -20.21
N HIS B 196 -8.30 -14.81 -18.91
CA HIS B 196 -7.50 -15.61 -17.98
C HIS B 196 -8.10 -15.73 -16.58
N LYS B 197 -8.30 -16.97 -16.15
CA LYS B 197 -8.89 -17.25 -14.84
C LYS B 197 -8.12 -16.75 -13.63
N GLY B 198 -6.80 -16.64 -13.75
CA GLY B 198 -6.02 -16.17 -12.62
C GLY B 198 -6.33 -14.71 -12.29
N PRO B 199 -6.11 -13.81 -13.25
CA PRO B 199 -6.37 -12.38 -13.07
C PRO B 199 -7.83 -12.12 -12.72
N LEU B 200 -8.74 -12.88 -13.34
CA LEU B 200 -10.16 -12.75 -13.09
C LEU B 200 -10.45 -13.10 -11.63
N ASN B 201 -9.82 -14.18 -11.15
CA ASN B 201 -10.00 -14.60 -9.78
C ASN B 201 -9.51 -13.50 -8.84
N VAL B 202 -8.32 -12.96 -9.09
CA VAL B 202 -7.79 -11.90 -8.25
C VAL B 202 -8.67 -10.65 -8.27
N PHE B 203 -9.13 -10.26 -9.46
CA PHE B 203 -9.99 -9.09 -9.64
C PHE B 203 -11.30 -9.24 -8.88
N GLU B 204 -12.00 -10.33 -9.17
CA GLU B 204 -13.28 -10.64 -8.56
C GLU B 204 -13.34 -10.97 -7.08
N ASN B 205 -12.43 -11.79 -6.61
CA ASN B 205 -12.51 -12.21 -5.23
C ASN B 205 -11.59 -11.52 -4.26
N ILE B 206 -10.64 -10.75 -4.78
CA ILE B 206 -9.72 -10.04 -3.92
C ILE B 206 -9.78 -8.51 -4.04
N GLU B 207 -9.51 -7.96 -5.22
CA GLU B 207 -9.52 -6.50 -5.37
C GLU B 207 -10.87 -5.79 -5.17
N MET B 208 -11.89 -6.22 -5.92
CA MET B 208 -13.19 -5.58 -5.81
C MET B 208 -13.78 -5.63 -4.41
N PRO B 209 -13.77 -6.82 -3.77
CA PRO B 209 -14.34 -6.89 -2.42
C PRO B 209 -13.60 -5.99 -1.44
N LEU B 210 -12.31 -5.79 -1.72
CA LEU B 210 -11.46 -4.99 -0.87
C LEU B 210 -11.79 -3.49 -0.98
N VAL B 211 -12.48 -3.08 -2.04
CA VAL B 211 -12.80 -1.67 -2.20
C VAL B 211 -13.53 -1.04 -0.99
N PRO B 212 -14.68 -1.60 -0.60
CA PRO B 212 -15.34 -0.98 0.56
C PRO B 212 -14.57 -1.13 1.85
N VAL B 213 -13.79 -2.19 1.98
CA VAL B 213 -13.04 -2.36 3.21
C VAL B 213 -11.96 -1.30 3.36
N LEU B 214 -11.31 -0.91 2.27
CA LEU B 214 -10.29 0.13 2.34
C LEU B 214 -10.93 1.47 2.70
N SER B 215 -12.11 1.73 2.15
CA SER B 215 -12.87 2.94 2.46
C SER B 215 -13.07 3.01 3.98
N ARG B 216 -13.57 1.91 4.55
CA ARG B 216 -13.82 1.88 5.99
C ARG B 216 -12.57 2.09 6.82
N ILE B 217 -11.46 1.48 6.39
CA ILE B 217 -10.21 1.63 7.12
C ILE B 217 -9.76 3.07 7.08
N GLU B 218 -9.74 3.65 5.87
CA GLU B 218 -9.33 5.03 5.72
C GLU B 218 -10.20 5.99 6.51
N ARG B 219 -11.52 5.80 6.42
CA ARG B 219 -12.47 6.64 7.13
C ARG B 219 -12.40 6.43 8.65
N ASN B 220 -11.96 5.26 9.10
CA ASN B 220 -11.83 5.02 10.54
C ASN B 220 -10.69 5.89 11.06
N GLY B 221 -9.59 5.88 10.31
CA GLY B 221 -8.42 6.63 10.67
C GLY B 221 -7.70 6.05 11.87
N VAL B 222 -6.72 6.76 12.37
CA VAL B 222 -5.98 6.28 13.52
C VAL B 222 -5.84 7.41 14.51
N LYS B 223 -5.88 7.08 15.79
CA LYS B 223 -5.75 8.04 16.88
C LYS B 223 -4.26 8.26 17.16
N ILE B 224 -3.82 9.51 17.04
CA ILE B 224 -2.43 9.87 17.30
C ILE B 224 -2.39 10.93 18.39
N ASP B 225 -1.42 10.83 19.29
CA ASP B 225 -1.29 11.78 20.38
C ASP B 225 -0.33 12.88 19.97
N PRO B 226 -0.84 14.07 19.61
CA PRO B 226 -0.02 15.20 19.20
C PRO B 226 1.03 15.64 20.20
N LYS B 227 0.74 15.51 21.49
CA LYS B 227 1.69 15.92 22.52
C LYS B 227 2.94 15.05 22.48
N VAL B 228 2.74 13.74 22.47
CA VAL B 228 3.86 12.82 22.41
C VAL B 228 4.77 13.20 21.23
N LEU B 229 4.20 13.30 20.03
CA LEU B 229 4.98 13.65 18.86
C LEU B 229 5.69 14.98 19.00
N HIS B 230 5.02 15.96 19.59
CA HIS B 230 5.63 17.28 19.77
C HIS B 230 6.80 17.21 20.75
N ASN B 231 6.68 16.43 21.82
CA ASN B 231 7.77 16.30 22.78
C ASN B 231 8.92 15.60 22.08
N HIS B 232 8.59 14.62 21.23
CA HIS B 232 9.61 13.90 20.51
C HIS B 232 10.37 14.90 19.63
N SER B 233 9.62 15.79 18.99
CA SER B 233 10.20 16.83 18.12
C SER B 233 11.14 17.76 18.88
N GLU B 234 10.70 18.26 20.03
CA GLU B 234 11.49 19.17 20.84
C GLU B 234 12.80 18.47 21.16
N GLU B 235 12.68 17.21 21.57
CA GLU B 235 13.84 16.42 21.94
C GLU B 235 14.81 16.22 20.77
N LEU B 236 14.27 15.86 19.60
CA LEU B 236 15.11 15.64 18.43
C LEU B 236 15.86 16.90 18.06
N THR B 237 15.24 18.06 18.30
CA THR B 237 15.88 19.33 18.00
C THR B 237 17.09 19.45 18.90
N LEU B 238 16.93 19.09 20.17
CA LEU B 238 18.01 19.13 21.15
C LEU B 238 19.12 18.13 20.80
N ARG B 239 18.74 16.88 20.56
CA ARG B 239 19.71 15.85 20.21
C ARG B 239 20.47 16.24 18.94
N LEU B 240 19.78 16.85 17.99
CA LEU B 240 20.43 17.26 16.75
C LEU B 240 21.49 18.32 17.05
N ALA B 241 21.22 19.13 18.06
CA ALA B 241 22.15 20.17 18.47
C ALA B 241 23.35 19.55 19.19
N GLU B 242 23.08 18.56 20.03
CA GLU B 242 24.14 17.88 20.77
C GLU B 242 25.04 17.11 19.81
N LEU B 243 24.43 16.45 18.83
CA LEU B 243 25.15 15.66 17.86
C LEU B 243 26.03 16.52 16.95
N GLU B 244 25.54 17.73 16.66
CA GLU B 244 26.30 18.63 15.81
C GLU B 244 27.54 19.12 16.54
N LYS B 245 27.47 19.17 17.86
CA LYS B 245 28.61 19.60 18.66
C LYS B 245 29.62 18.47 18.79
N LYS B 246 29.14 17.28 19.14
CA LYS B 246 30.03 16.13 19.27
C LYS B 246 30.83 15.94 17.98
N ALA B 247 30.25 16.37 16.86
CA ALA B 247 30.92 16.26 15.58
C ALA B 247 32.01 17.32 15.51
N HIS B 248 31.69 18.51 16.02
CA HIS B 248 32.62 19.63 16.04
C HIS B 248 33.73 19.33 17.04
N GLU B 249 33.34 18.72 18.16
CA GLU B 249 34.26 18.37 19.23
C GLU B 249 35.24 17.26 18.85
N ILE B 250 34.77 16.29 18.06
CA ILE B 250 35.64 15.20 17.63
C ILE B 250 36.67 15.70 16.65
N ALA B 251 36.31 16.73 15.89
CA ALA B 251 37.21 17.32 14.91
C ALA B 251 37.53 18.75 15.32
N GLY B 252 37.78 19.60 14.33
CA GLY B 252 38.09 20.99 14.60
C GLY B 252 37.12 21.86 13.84
N GLU B 253 36.93 23.10 14.29
CA GLU B 253 36.03 24.06 13.66
C GLU B 253 34.63 23.50 13.37
N GLU B 254 33.80 24.34 12.75
CA GLU B 254 32.43 23.96 12.40
C GLU B 254 32.37 23.50 10.95
N PHE B 255 31.21 23.00 10.54
CA PHE B 255 31.03 22.52 9.17
C PHE B 255 29.64 21.89 9.03
N ASN B 256 29.18 21.74 7.80
CA ASN B 256 27.89 21.11 7.55
C ASN B 256 28.08 19.61 7.54
N LEU B 257 27.05 18.88 7.91
CA LEU B 257 27.13 17.42 7.95
C LEU B 257 26.91 16.84 6.55
N SER B 258 27.43 17.53 5.55
CA SER B 258 27.32 17.11 4.15
C SER B 258 28.65 16.54 3.66
N SER B 259 28.70 15.22 3.49
CA SER B 259 29.91 14.54 3.04
C SER B 259 30.34 15.02 1.65
N THR B 260 31.43 14.43 1.15
CA THR B 260 31.97 14.77 -0.16
C THR B 260 32.15 16.27 -0.36
N LYS B 261 32.08 17.01 0.75
CA LYS B 261 32.24 18.45 0.74
C LYS B 261 33.03 18.87 1.98
N GLN B 262 32.41 18.68 3.14
CA GLN B 262 33.04 19.03 4.40
C GLN B 262 33.61 17.82 5.13
N LEU B 263 32.88 16.69 5.07
CA LEU B 263 33.30 15.48 5.74
C LEU B 263 34.55 14.81 5.19
N GLN B 264 34.56 14.51 3.89
CA GLN B 264 35.73 13.86 3.28
C GLN B 264 37.02 14.58 3.66
N THR B 265 36.93 15.90 3.81
CA THR B 265 38.08 16.72 4.19
C THR B 265 38.35 16.60 5.69
N ILE B 266 37.56 15.75 6.36
CA ILE B 266 37.70 15.52 7.80
C ILE B 266 37.95 14.04 8.06
N LEU B 267 36.90 13.24 7.93
CA LEU B 267 36.95 11.79 8.16
C LEU B 267 38.23 11.11 7.69
N PHE B 268 38.49 11.18 6.39
CA PHE B 268 39.65 10.53 5.79
C PHE B 268 40.90 11.40 5.90
N GLU B 269 40.71 12.71 5.88
CA GLU B 269 41.83 13.63 6.02
C GLU B 269 42.47 13.42 7.38
N LYS B 270 41.75 12.70 8.25
CA LYS B 270 42.22 12.37 9.59
C LYS B 270 42.38 10.85 9.58
N GLN B 271 42.74 10.35 8.39
CA GLN B 271 42.94 8.93 8.12
C GLN B 271 41.63 8.19 7.92
N GLY B 272 41.65 7.28 6.95
CA GLY B 272 40.49 6.49 6.60
C GLY B 272 40.56 6.29 5.10
N ILE B 273 39.75 5.40 4.56
CA ILE B 273 39.79 5.17 3.13
C ILE B 273 38.83 6.09 2.37
N LYS B 274 39.42 6.93 1.51
CA LYS B 274 38.74 7.93 0.68
C LYS B 274 37.26 7.86 0.30
N PRO B 275 36.73 6.67 -0.03
CA PRO B 275 35.30 6.60 -0.39
C PRO B 275 34.32 7.05 0.70
N LEU B 276 33.36 7.90 0.33
CA LEU B 276 32.36 8.40 1.26
C LEU B 276 31.23 7.38 1.44
N LYS B 277 29.98 7.83 1.51
CA LYS B 277 28.85 6.92 1.66
C LYS B 277 27.54 7.50 1.13
N LYS B 278 27.02 6.91 0.06
CA LYS B 278 25.78 7.35 -0.57
C LYS B 278 24.53 7.17 0.29
N THR B 279 23.89 8.29 0.62
CA THR B 279 22.67 8.27 1.43
C THR B 279 21.44 8.03 0.55
N PRO B 284 22.77 1.81 -4.19
CA PRO B 284 23.84 2.81 -3.91
C PRO B 284 23.92 3.14 -2.42
N SER B 285 22.77 3.19 -1.77
CA SER B 285 22.69 3.50 -0.34
C SER B 285 22.65 2.23 0.52
N THR B 286 21.68 1.36 0.24
CA THR B 286 21.51 0.13 1.00
C THR B 286 22.39 -1.03 0.51
N SER B 287 23.63 -0.71 0.15
CA SER B 287 24.59 -1.71 -0.34
C SER B 287 25.99 -1.16 -0.14
N GLU B 288 26.11 0.17 -0.22
CA GLU B 288 27.38 0.85 -0.04
C GLU B 288 27.25 1.99 0.96
N GLU B 289 27.69 1.74 2.19
CA GLU B 289 27.63 2.75 3.24
C GLU B 289 28.91 2.74 4.07
N VAL B 290 29.90 3.47 3.56
CA VAL B 290 31.21 3.56 4.21
C VAL B 290 31.14 4.35 5.52
N LEU B 291 30.15 5.24 5.64
CA LEU B 291 30.02 6.03 6.85
C LEU B 291 29.76 5.13 8.06
N GLU B 292 28.86 4.16 7.88
CA GLU B 292 28.56 3.24 8.98
C GLU B 292 29.60 2.13 9.07
N GLU B 293 30.37 1.96 8.00
CA GLU B 293 31.42 0.96 7.99
C GLU B 293 32.40 1.48 9.04
N LEU B 294 32.91 2.68 8.78
CA LEU B 294 33.85 3.35 9.67
C LEU B 294 33.22 3.45 11.05
N ALA B 295 31.91 3.60 11.10
CA ALA B 295 31.15 3.73 12.34
C ALA B 295 31.51 2.73 13.42
N LEU B 296 31.95 1.53 13.03
CA LEU B 296 32.31 0.50 14.00
C LEU B 296 33.53 0.90 14.82
N ASP B 297 34.26 1.89 14.34
CA ASP B 297 35.44 2.37 15.04
C ASP B 297 35.53 3.90 14.99
N TYR B 298 35.41 4.47 13.80
CA TYR B 298 35.48 5.92 13.64
C TYR B 298 34.20 6.58 14.17
N PRO B 299 34.34 7.37 15.25
CA PRO B 299 33.25 8.08 15.92
C PRO B 299 32.50 9.15 15.12
N LEU B 300 33.18 9.86 14.23
CA LEU B 300 32.54 10.93 13.46
C LEU B 300 31.49 10.48 12.45
N PRO B 301 31.83 9.51 11.58
CA PRO B 301 30.82 9.09 10.62
C PRO B 301 29.58 8.52 11.31
N LYS B 302 29.78 7.92 12.47
CA LYS B 302 28.68 7.33 13.24
C LYS B 302 27.71 8.40 13.74
N VAL B 303 28.22 9.58 14.08
CA VAL B 303 27.37 10.66 14.55
C VAL B 303 26.73 11.36 13.36
N ILE B 304 27.44 11.40 12.24
CA ILE B 304 26.93 12.01 11.01
C ILE B 304 25.77 11.15 10.57
N LEU B 305 25.96 9.84 10.70
CA LEU B 305 24.98 8.85 10.32
C LEU B 305 23.70 8.97 11.14
N GLU B 306 23.84 9.21 12.45
CA GLU B 306 22.66 9.33 13.29
C GLU B 306 22.02 10.70 13.16
N TYR B 307 22.83 11.71 12.91
CA TYR B 307 22.35 13.07 12.75
C TYR B 307 21.32 13.08 11.62
N ARG B 308 21.71 12.54 10.47
CA ARG B 308 20.84 12.48 9.30
C ARG B 308 19.60 11.64 9.56
N GLY B 309 19.80 10.52 10.26
CA GLY B 309 18.70 9.62 10.56
C GLY B 309 17.60 10.28 11.37
N LEU B 310 17.99 11.10 12.33
CA LEU B 310 17.00 11.78 13.18
C LEU B 310 16.41 12.99 12.45
N ALA B 311 17.22 13.63 11.61
CA ALA B 311 16.77 14.79 10.85
C ALA B 311 15.64 14.39 9.90
N LYS B 312 15.81 13.25 9.24
CA LYS B 312 14.80 12.75 8.32
C LYS B 312 13.53 12.34 9.06
N LEU B 313 13.71 11.64 10.18
CA LEU B 313 12.60 11.19 10.99
C LEU B 313 11.77 12.35 11.54
N LYS B 314 12.46 13.40 12.00
CA LYS B 314 11.78 14.56 12.57
C LYS B 314 10.92 15.33 11.56
N SER B 315 11.47 15.58 10.37
CA SER B 315 10.74 16.31 9.35
C SER B 315 9.73 15.46 8.60
N THR B 316 9.84 14.14 8.72
CA THR B 316 8.91 13.25 8.04
C THR B 316 7.75 12.79 8.91
N TYR B 317 8.02 12.47 10.17
CA TYR B 317 6.96 11.99 11.06
C TYR B 317 6.66 12.86 12.27
N THR B 318 7.69 13.20 13.03
CA THR B 318 7.48 14.00 14.22
C THR B 318 6.85 15.37 13.99
N ASP B 319 7.31 16.10 12.97
CA ASP B 319 6.76 17.41 12.67
C ASP B 319 5.56 17.35 11.71
N LYS B 320 5.43 16.25 10.96
CA LYS B 320 4.33 16.11 10.00
C LYS B 320 3.02 15.53 10.56
N LEU B 321 3.12 14.34 11.13
CA LEU B 321 1.97 13.63 11.69
C LEU B 321 0.91 14.48 12.39
N PRO B 322 1.30 15.32 13.35
CA PRO B 322 0.32 16.15 14.06
C PRO B 322 -0.51 17.07 13.14
N LEU B 323 0.11 17.52 12.05
CA LEU B 323 -0.56 18.39 11.09
C LEU B 323 -1.52 17.60 10.22
N MET B 324 -1.43 16.27 10.26
CA MET B 324 -2.34 15.43 9.48
C MET B 324 -3.62 15.12 10.26
N ILE B 325 -3.68 15.57 11.52
CA ILE B 325 -4.88 15.32 12.31
C ILE B 325 -6.06 16.04 11.64
N ASN B 326 -7.10 15.30 11.28
CA ASN B 326 -8.28 15.89 10.65
C ASN B 326 -9.16 16.58 11.71
N PRO B 327 -9.45 17.88 11.53
CA PRO B 327 -10.28 18.64 12.47
C PRO B 327 -11.65 18.03 12.74
N LYS B 328 -12.24 17.40 11.74
CA LYS B 328 -13.56 16.81 11.90
C LYS B 328 -13.60 15.52 12.73
N THR B 329 -12.54 14.74 12.69
CA THR B 329 -12.53 13.47 13.43
C THR B 329 -11.54 13.45 14.59
N GLY B 330 -10.55 14.33 14.55
CA GLY B 330 -9.54 14.31 15.59
C GLY B 330 -8.60 13.13 15.35
N ARG B 331 -8.68 12.54 14.17
CA ARG B 331 -7.84 11.38 13.85
C ARG B 331 -7.07 11.58 12.55
N VAL B 332 -6.14 10.67 12.26
CA VAL B 332 -5.34 10.73 11.04
C VAL B 332 -5.84 9.68 10.05
N HIS B 333 -6.02 10.12 8.81
CA HIS B 333 -6.54 9.26 7.75
C HIS B 333 -5.58 9.07 6.59
N THR B 334 -4.84 7.96 6.64
CA THR B 334 -3.86 7.68 5.59
C THR B 334 -4.53 7.34 4.28
N SER B 335 -3.84 7.63 3.19
CA SER B 335 -4.36 7.32 1.86
C SER B 335 -3.77 5.98 1.39
N TYR B 336 -4.62 4.99 1.19
CA TYR B 336 -4.16 3.71 0.71
C TYR B 336 -4.32 3.72 -0.79
N HIS B 337 -3.30 3.19 -1.48
CA HIS B 337 -3.31 3.12 -2.94
C HIS B 337 -3.38 1.65 -3.28
N GLN B 338 -4.50 1.26 -3.89
CA GLN B 338 -4.74 -0.13 -4.22
C GLN B 338 -4.21 -0.55 -5.61
N ALA B 339 -3.79 0.41 -6.42
CA ALA B 339 -3.32 0.08 -7.77
C ALA B 339 -2.06 0.86 -8.14
N VAL B 340 -0.98 0.58 -7.44
CA VAL B 340 0.27 1.28 -7.73
C VAL B 340 1.50 0.39 -7.69
N THR B 341 1.52 -0.60 -6.79
CA THR B 341 2.67 -1.50 -6.67
C THR B 341 2.66 -2.56 -7.76
N ALA B 342 3.86 -2.91 -8.23
CA ALA B 342 4.00 -3.93 -9.27
C ALA B 342 3.63 -5.31 -8.77
N THR B 343 3.78 -5.55 -7.47
CA THR B 343 3.53 -6.85 -6.88
C THR B 343 2.13 -7.12 -6.36
N GLY B 344 1.41 -6.07 -6.00
CA GLY B 344 0.06 -6.25 -5.49
C GLY B 344 -0.15 -5.83 -4.05
N ARG B 345 0.94 -5.44 -3.38
CA ARG B 345 0.86 -5.01 -2.00
C ARG B 345 0.24 -3.62 -1.95
N LEU B 346 -0.50 -3.34 -0.89
CA LEU B 346 -1.08 -2.03 -0.74
C LEU B 346 0.07 -1.11 -0.37
N SER B 347 -0.04 0.15 -0.74
CA SER B 347 0.97 1.13 -0.40
C SER B 347 0.20 2.22 0.33
N SER B 348 0.89 2.97 1.18
CA SER B 348 0.26 4.00 1.96
C SER B 348 1.02 5.34 1.91
N THR B 349 0.29 6.45 1.89
CA THR B 349 0.91 7.78 1.87
C THR B 349 0.18 8.78 2.76
N ASP B 350 0.89 9.79 3.22
CA ASP B 350 0.32 10.85 4.06
C ASP B 350 -0.55 10.28 5.17
N PRO B 351 0.05 9.58 6.14
CA PRO B 351 1.49 9.29 6.20
C PRO B 351 1.84 7.96 5.57
N ASN B 352 3.12 7.76 5.27
CA ASN B 352 3.55 6.49 4.70
C ASN B 352 3.89 5.64 5.92
N LEU B 353 2.92 4.88 6.40
CA LEU B 353 3.12 4.01 7.55
C LEU B 353 4.29 3.02 7.41
N GLN B 354 4.53 2.54 6.19
CA GLN B 354 5.58 1.54 5.98
C GLN B 354 7.03 2.03 6.08
N ASN B 355 7.24 3.34 6.06
CA ASN B 355 8.60 3.86 6.19
C ASN B 355 8.91 4.32 7.61
N ILE B 356 8.10 3.88 8.58
CA ILE B 356 8.33 4.23 9.97
C ILE B 356 9.30 3.15 10.49
N PRO B 357 10.49 3.57 10.93
CA PRO B 357 11.48 2.61 11.44
C PRO B 357 10.94 1.47 12.29
N VAL B 358 11.15 0.25 11.81
CA VAL B 358 10.72 -0.95 12.50
C VAL B 358 11.71 -1.26 13.62
N ARG B 359 12.94 -1.59 13.24
CA ARG B 359 13.97 -1.89 14.22
C ARG B 359 14.82 -0.65 14.45
N ASN B 360 14.32 0.22 15.32
CA ASN B 360 14.98 1.47 15.65
C ASN B 360 14.23 2.01 16.86
N GLU B 361 14.94 2.65 17.77
CA GLU B 361 14.28 3.18 18.96
C GLU B 361 13.37 4.36 18.64
N GLU B 362 13.77 5.22 17.71
CA GLU B 362 12.96 6.38 17.35
C GLU B 362 11.68 5.96 16.65
N GLY B 363 11.77 4.93 15.83
CA GLY B 363 10.61 4.43 15.12
C GLY B 363 9.58 3.95 16.12
N ARG B 364 10.06 3.35 17.21
CA ARG B 364 9.17 2.84 18.25
C ARG B 364 8.50 3.98 18.99
N ARG B 365 9.24 5.08 19.17
CA ARG B 365 8.68 6.23 19.87
C ARG B 365 7.59 6.87 19.03
N ILE B 366 7.68 6.69 17.71
CA ILE B 366 6.67 7.24 16.80
C ILE B 366 5.41 6.40 17.01
N ARG B 367 5.56 5.07 16.96
CA ARG B 367 4.43 4.17 17.14
C ARG B 367 3.77 4.30 18.52
N GLN B 368 4.52 4.77 19.50
CA GLN B 368 3.95 4.95 20.83
C GLN B 368 2.93 6.09 20.77
N ALA B 369 2.99 6.85 19.69
CA ALA B 369 2.07 7.98 19.49
C ALA B 369 0.75 7.55 18.89
N PHE B 370 0.72 6.32 18.36
CA PHE B 370 -0.51 5.75 17.80
C PHE B 370 -1.17 5.05 18.97
N ILE B 371 -2.10 5.76 19.60
CA ILE B 371 -2.79 5.28 20.80
C ILE B 371 -4.21 4.80 20.62
N ALA B 372 -4.67 4.05 21.61
CA ALA B 372 -6.04 3.55 21.61
C ALA B 372 -6.93 4.55 22.35
N PRO B 373 -8.19 4.67 21.92
CA PRO B 373 -9.09 5.60 22.60
C PRO B 373 -9.42 5.02 23.99
N GLU B 374 -10.08 5.81 24.82
CA GLU B 374 -10.44 5.41 26.17
C GLU B 374 -11.14 4.05 26.21
N ASP B 375 -10.69 3.20 27.12
CA ASP B 375 -11.22 1.85 27.30
C ASP B 375 -11.03 0.90 26.12
N TYR B 376 -10.12 1.26 25.24
CA TYR B 376 -9.81 0.39 24.11
C TYR B 376 -8.32 0.12 24.15
N VAL B 377 -7.89 -0.89 23.42
CA VAL B 377 -6.47 -1.19 23.34
C VAL B 377 -6.16 -1.39 21.87
N ILE B 378 -4.90 -1.23 21.50
CA ILE B 378 -4.50 -1.46 20.12
C ILE B 378 -4.12 -2.94 20.02
N VAL B 379 -4.65 -3.61 19.01
CA VAL B 379 -4.34 -5.02 18.79
C VAL B 379 -3.64 -5.18 17.45
N SER B 380 -2.50 -5.86 17.48
CA SER B 380 -1.71 -6.11 16.27
C SER B 380 -1.71 -7.60 15.91
N ALA B 381 -2.09 -7.89 14.67
CA ALA B 381 -2.11 -9.25 14.15
C ALA B 381 -1.16 -9.28 12.96
N ASP B 382 -0.01 -9.92 13.15
CA ASP B 382 1.01 -9.99 12.10
C ASP B 382 1.29 -11.40 11.55
N TYR B 383 1.49 -11.49 10.24
CA TYR B 383 1.81 -12.78 9.62
C TYR B 383 3.33 -12.98 9.73
N SER B 384 3.75 -13.81 10.68
CA SER B 384 5.19 -14.05 10.91
C SER B 384 5.88 -14.56 9.66
N GLN B 385 6.92 -13.84 9.24
CA GLN B 385 7.72 -14.15 8.05
C GLN B 385 6.92 -14.92 6.99
N ILE B 386 5.87 -14.27 6.50
CA ILE B 386 5.00 -14.89 5.51
C ILE B 386 5.69 -15.20 4.17
N GLU B 387 6.56 -14.31 3.71
CA GLU B 387 7.24 -14.54 2.45
C GLU B 387 8.29 -15.65 2.49
N LEU B 388 8.77 -15.98 3.69
CA LEU B 388 9.73 -17.05 3.81
C LEU B 388 8.91 -18.33 3.83
N ARG B 389 7.73 -18.27 4.45
CA ARG B 389 6.85 -19.43 4.50
C ARG B 389 6.32 -19.73 3.08
N ILE B 390 6.09 -18.67 2.31
CA ILE B 390 5.61 -18.84 0.95
C ILE B 390 6.69 -19.47 0.08
N MET B 391 7.94 -19.06 0.28
CA MET B 391 9.04 -19.63 -0.49
C MET B 391 9.17 -21.12 -0.17
N ALA B 392 9.08 -21.46 1.12
CA ALA B 392 9.17 -22.85 1.53
C ALA B 392 8.11 -23.62 0.76
N HIS B 393 6.93 -23.02 0.63
CA HIS B 393 5.83 -23.64 -0.10
C HIS B 393 6.16 -23.71 -1.58
N LEU B 394 6.43 -22.57 -2.19
CA LEU B 394 6.76 -22.48 -3.60
C LEU B 394 7.97 -23.31 -3.99
N SER B 395 8.78 -23.69 -2.99
CA SER B 395 9.97 -24.48 -3.26
C SER B 395 9.67 -25.95 -2.96
N ARG B 396 8.61 -26.21 -2.22
CA ARG B 396 8.22 -27.57 -1.88
C ARG B 396 9.34 -28.29 -1.14
N ASP B 397 10.13 -27.53 -0.39
CA ASP B 397 11.25 -28.07 0.38
C ASP B 397 10.83 -28.62 1.75
N LYS B 398 10.89 -29.93 1.89
CA LYS B 398 10.52 -30.62 3.13
C LYS B 398 11.32 -30.11 4.33
N GLY B 399 12.54 -29.64 4.06
CA GLY B 399 13.38 -29.13 5.12
C GLY B 399 12.85 -27.85 5.73
N LEU B 400 12.67 -26.83 4.90
CA LEU B 400 12.15 -25.55 5.37
C LEU B 400 10.76 -25.73 5.96
N LEU B 401 9.92 -26.45 5.23
CA LEU B 401 8.56 -26.71 5.66
C LEU B 401 8.52 -27.35 7.05
N THR B 402 9.37 -28.37 7.25
CA THR B 402 9.43 -29.05 8.53
C THR B 402 9.87 -28.09 9.64
N ALA B 403 10.84 -27.24 9.35
CA ALA B 403 11.33 -26.29 10.34
C ALA B 403 10.15 -25.46 10.84
N PHE B 404 9.38 -24.92 9.90
CA PHE B 404 8.20 -24.12 10.25
C PHE B 404 7.20 -25.00 10.99
N ALA B 405 7.02 -26.21 10.49
CA ALA B 405 6.06 -27.14 11.08
C ALA B 405 6.36 -27.41 12.57
N GLU B 406 7.63 -27.47 12.96
CA GLU B 406 7.95 -27.72 14.36
C GLU B 406 8.26 -26.44 15.13
N GLY B 407 7.76 -25.33 14.59
CA GLY B 407 7.94 -24.04 15.22
C GLY B 407 9.36 -23.61 15.53
N LYS B 408 10.32 -24.04 14.73
CA LYS B 408 11.70 -23.65 14.98
C LYS B 408 12.02 -22.36 14.24
N ASP B 409 12.98 -21.61 14.76
CA ASP B 409 13.38 -20.38 14.11
C ASP B 409 14.08 -20.82 12.82
N ILE B 410 13.46 -20.52 11.69
CA ILE B 410 14.01 -20.94 10.40
C ILE B 410 15.40 -20.43 10.04
N HIS B 411 15.83 -19.34 10.67
CA HIS B 411 17.14 -18.81 10.38
C HIS B 411 18.21 -19.63 11.09
N ARG B 412 17.88 -20.12 12.28
CA ARG B 412 18.81 -20.95 13.04
C ARG B 412 18.75 -22.36 12.45
N ALA B 413 17.56 -22.76 12.01
CA ALA B 413 17.36 -24.06 11.39
C ALA B 413 18.18 -24.14 10.11
N THR B 414 18.15 -23.06 9.33
CA THR B 414 18.88 -22.98 8.07
C THR B 414 20.39 -23.01 8.31
N ALA B 415 20.83 -22.27 9.33
CA ALA B 415 22.26 -22.23 9.66
C ALA B 415 22.75 -23.61 10.06
N ALA B 416 21.96 -24.30 10.89
CA ALA B 416 22.32 -25.63 11.35
C ALA B 416 22.56 -26.56 10.16
N GLU B 417 21.78 -26.39 9.10
CA GLU B 417 21.92 -27.22 7.91
C GLU B 417 23.08 -26.79 7.01
N VAL B 418 23.20 -25.49 6.78
CA VAL B 418 24.28 -24.99 5.94
C VAL B 418 25.65 -25.24 6.57
N PHE B 419 25.82 -24.77 7.82
CA PHE B 419 27.08 -24.92 8.55
C PHE B 419 27.26 -26.28 9.21
N GLY B 420 26.23 -27.12 9.09
CA GLY B 420 26.29 -28.46 9.64
C GLY B 420 26.62 -28.59 11.12
N LEU B 421 25.79 -28.01 11.97
CA LEU B 421 26.01 -28.12 13.41
C LEU B 421 24.66 -28.24 14.09
N PRO B 422 24.66 -28.59 15.39
CA PRO B 422 23.40 -28.73 16.13
C PRO B 422 22.67 -27.41 16.24
N LEU B 423 21.34 -27.46 16.09
CA LEU B 423 20.51 -26.27 16.17
C LEU B 423 20.78 -25.43 17.40
N GLU B 424 20.88 -26.07 18.56
CA GLU B 424 21.11 -25.35 19.80
C GLU B 424 22.39 -24.54 19.81
N THR B 425 23.41 -24.97 19.07
CA THR B 425 24.68 -24.27 19.06
C THR B 425 24.82 -23.13 18.05
N VAL B 426 23.97 -23.08 17.04
CA VAL B 426 24.10 -22.02 16.05
C VAL B 426 24.31 -20.67 16.70
N THR B 427 25.40 -20.01 16.32
CA THR B 427 25.76 -18.71 16.85
C THR B 427 24.99 -17.58 16.19
N SER B 428 25.16 -16.37 16.71
CA SER B 428 24.48 -15.21 16.14
C SER B 428 25.01 -14.89 14.76
N GLU B 429 26.31 -15.05 14.58
CA GLU B 429 26.92 -14.76 13.29
C GLU B 429 26.42 -15.73 12.23
N GLN B 430 26.25 -17.00 12.61
CA GLN B 430 25.78 -18.00 11.67
C GLN B 430 24.30 -17.78 11.33
N ARG B 431 23.51 -17.41 12.34
CA ARG B 431 22.09 -17.14 12.12
C ARG B 431 21.97 -15.93 11.21
N ARG B 432 22.78 -14.91 11.50
CA ARG B 432 22.81 -13.69 10.70
C ARG B 432 23.17 -14.04 9.25
N SER B 433 24.01 -15.05 9.07
CA SER B 433 24.43 -15.48 7.73
C SER B 433 23.32 -16.22 6.99
N ALA B 434 22.63 -17.11 7.68
CA ALA B 434 21.54 -17.87 7.06
C ALA B 434 20.39 -16.91 6.78
N LYS B 435 20.27 -15.89 7.62
CA LYS B 435 19.22 -14.89 7.47
C LYS B 435 19.45 -14.11 6.18
N ALA B 436 20.70 -13.68 5.97
CA ALA B 436 21.08 -12.93 4.78
C ALA B 436 20.82 -13.78 3.54
N ILE B 437 21.07 -15.07 3.65
CA ILE B 437 20.85 -15.98 2.53
C ILE B 437 19.37 -16.11 2.20
N ASN B 438 18.56 -16.40 3.23
CA ASN B 438 17.13 -16.56 3.06
C ASN B 438 16.48 -15.33 2.41
N PHE B 439 16.68 -14.16 3.01
CA PHE B 439 16.10 -12.95 2.47
C PHE B 439 16.78 -12.56 1.16
N GLY B 440 17.97 -13.09 0.94
CA GLY B 440 18.68 -12.80 -0.29
C GLY B 440 17.99 -13.53 -1.42
N LEU B 441 17.48 -14.72 -1.12
CA LEU B 441 16.79 -15.54 -2.10
C LEU B 441 15.46 -14.93 -2.53
N ILE B 442 14.75 -14.33 -1.57
CA ILE B 442 13.46 -13.70 -1.86
C ILE B 442 13.63 -12.59 -2.87
N TYR B 443 14.73 -11.85 -2.76
CA TYR B 443 15.00 -10.75 -3.67
C TYR B 443 15.87 -11.27 -4.81
N GLY B 444 16.10 -12.57 -4.81
CA GLY B 444 16.91 -13.23 -5.83
C GLY B 444 18.30 -12.65 -6.00
N MET B 445 18.91 -12.21 -4.90
CA MET B 445 20.24 -11.63 -4.96
C MET B 445 21.34 -12.62 -5.36
N SER B 446 22.40 -12.08 -5.97
CA SER B 446 23.53 -12.88 -6.42
C SER B 446 24.55 -13.10 -5.31
N ALA B 447 25.35 -14.15 -5.46
CA ALA B 447 26.37 -14.49 -4.48
C ALA B 447 27.26 -13.31 -4.13
N PHE B 448 27.49 -12.43 -5.10
CA PHE B 448 28.33 -11.25 -4.87
C PHE B 448 27.63 -10.24 -4.00
N GLY B 449 26.35 -9.99 -4.29
CA GLY B 449 25.58 -9.04 -3.50
C GLY B 449 25.52 -9.51 -2.06
N LEU B 450 25.28 -10.81 -1.89
CA LEU B 450 25.21 -11.41 -0.56
C LEU B 450 26.52 -11.13 0.18
N ALA B 451 27.63 -11.25 -0.53
CA ALA B 451 28.95 -11.02 0.04
C ALA B 451 29.04 -9.58 0.56
N ARG B 452 28.42 -8.65 -0.18
CA ARG B 452 28.45 -7.24 0.21
C ARG B 452 27.54 -6.95 1.40
N GLN B 453 26.60 -7.86 1.66
CA GLN B 453 25.66 -7.69 2.76
C GLN B 453 26.11 -8.41 4.02
N LEU B 454 27.06 -9.33 3.87
CA LEU B 454 27.57 -10.10 5.00
C LEU B 454 29.05 -9.81 5.22
N ASN B 455 29.55 -8.81 4.50
CA ASN B 455 30.93 -8.38 4.58
C ASN B 455 31.96 -9.49 4.42
N ILE B 456 31.61 -10.54 3.68
CA ILE B 456 32.54 -11.63 3.44
C ILE B 456 33.00 -11.54 2.00
N PRO B 457 34.12 -12.21 1.68
CA PRO B 457 34.64 -12.18 0.30
C PRO B 457 33.73 -12.91 -0.67
N ARG B 458 33.89 -12.61 -1.95
CA ARG B 458 33.10 -13.25 -2.99
C ARG B 458 33.53 -14.72 -2.95
N LYS B 459 32.75 -15.60 -3.57
CA LYS B 459 33.07 -17.02 -3.60
C LYS B 459 33.00 -17.64 -2.22
N GLU B 460 33.13 -16.81 -1.18
CA GLU B 460 33.00 -17.29 0.20
C GLU B 460 31.50 -17.37 0.36
N ALA B 461 30.82 -16.34 -0.15
CA ALA B 461 29.37 -16.23 -0.12
C ALA B 461 28.79 -17.26 -1.09
N GLN B 462 29.50 -17.48 -2.20
CA GLN B 462 29.08 -18.44 -3.19
C GLN B 462 29.22 -19.82 -2.57
N LYS B 463 30.22 -19.95 -1.70
CA LYS B 463 30.47 -21.20 -1.00
C LYS B 463 29.27 -21.49 -0.11
N TYR B 464 28.72 -20.44 0.51
CA TYR B 464 27.56 -20.59 1.38
C TYR B 464 26.30 -20.90 0.60
N MET B 465 26.14 -20.26 -0.56
CA MET B 465 24.95 -20.47 -1.39
C MET B 465 24.91 -21.88 -1.99
N ASP B 466 26.06 -22.40 -2.38
CA ASP B 466 26.10 -23.74 -2.95
C ASP B 466 25.68 -24.74 -1.88
N LEU B 467 26.14 -24.52 -0.66
CA LEU B 467 25.80 -25.36 0.47
C LEU B 467 24.31 -25.30 0.75
N TYR B 468 23.76 -24.10 0.66
CA TYR B 468 22.34 -23.88 0.89
C TYR B 468 21.50 -24.67 -0.10
N PHE B 469 21.75 -24.44 -1.39
CA PHE B 469 21.00 -25.12 -2.44
C PHE B 469 21.17 -26.63 -2.38
N GLU B 470 22.29 -27.08 -1.84
CA GLU B 470 22.56 -28.51 -1.72
C GLU B 470 21.71 -29.09 -0.62
N ARG B 471 21.62 -28.36 0.49
CA ARG B 471 20.85 -28.77 1.65
C ARG B 471 19.36 -28.48 1.39
N TYR B 472 19.08 -27.48 0.57
CA TYR B 472 17.71 -27.08 0.22
C TYR B 472 17.59 -26.93 -1.29
N PRO B 473 17.61 -28.06 -2.02
CA PRO B 473 17.51 -28.14 -3.49
C PRO B 473 16.23 -27.53 -4.07
N GLY B 474 15.11 -27.80 -3.44
CA GLY B 474 13.84 -27.29 -3.91
C GLY B 474 13.78 -25.79 -4.15
N VAL B 475 14.69 -25.05 -3.54
CA VAL B 475 14.74 -23.61 -3.70
C VAL B 475 15.40 -23.24 -5.02
N LEU B 476 16.46 -23.94 -5.38
CA LEU B 476 17.16 -23.65 -6.63
C LEU B 476 16.23 -24.00 -7.78
N GLU B 477 15.54 -25.15 -7.66
CA GLU B 477 14.62 -25.58 -8.69
C GLU B 477 13.58 -24.49 -8.91
N TYR B 478 12.87 -24.14 -7.85
CA TYR B 478 11.85 -23.11 -7.92
C TYR B 478 12.40 -21.90 -8.66
N MET B 479 13.58 -21.44 -8.27
CA MET B 479 14.19 -20.28 -8.90
C MET B 479 14.47 -20.50 -10.38
N GLU B 480 14.97 -21.68 -10.73
CA GLU B 480 15.28 -21.97 -12.11
C GLU B 480 13.98 -22.10 -12.89
N ARG B 481 13.02 -22.79 -12.29
CA ARG B 481 11.71 -22.99 -12.89
C ARG B 481 10.93 -21.69 -13.08
N THR B 482 11.12 -20.75 -12.15
CA THR B 482 10.42 -19.47 -12.22
C THR B 482 11.07 -18.52 -13.22
N ARG B 483 12.38 -18.57 -13.33
CA ARG B 483 13.07 -17.71 -14.29
C ARG B 483 12.75 -18.27 -15.67
N ALA B 484 12.54 -19.57 -15.71
CA ALA B 484 12.23 -20.27 -16.95
C ALA B 484 10.91 -19.80 -17.53
N GLN B 485 9.81 -20.23 -16.91
CA GLN B 485 8.49 -19.85 -17.37
C GLN B 485 8.36 -18.33 -17.53
N ALA B 486 9.17 -17.58 -16.79
CA ALA B 486 9.13 -16.12 -16.91
C ALA B 486 9.47 -15.75 -18.35
N LYS B 487 10.49 -16.39 -18.90
CA LYS B 487 10.91 -16.14 -20.28
C LYS B 487 9.99 -16.83 -21.27
N GLU B 488 9.41 -17.95 -20.86
CA GLU B 488 8.50 -18.70 -21.70
C GLU B 488 7.20 -17.94 -21.98
N GLN B 489 6.57 -17.43 -20.91
CA GLN B 489 5.32 -16.71 -21.04
C GLN B 489 5.35 -15.20 -20.78
N GLY B 490 6.52 -14.66 -20.45
CA GLY B 490 6.62 -13.23 -20.22
C GLY B 490 6.06 -12.67 -18.92
N TYR B 491 5.74 -13.55 -17.97
CA TYR B 491 5.21 -13.12 -16.68
C TYR B 491 5.21 -14.26 -15.67
N VAL B 492 4.97 -13.92 -14.40
CA VAL B 492 4.90 -14.90 -13.32
C VAL B 492 3.59 -14.68 -12.59
N GLU B 493 3.05 -15.73 -11.98
CA GLU B 493 1.79 -15.63 -11.26
C GLU B 493 1.96 -15.90 -9.77
N THR B 494 0.96 -15.51 -9.00
CA THR B 494 0.96 -15.74 -7.57
C THR B 494 0.05 -16.94 -7.43
N LEU B 495 -0.09 -17.48 -6.22
CA LEU B 495 -0.95 -18.63 -6.02
C LEU B 495 -2.39 -18.38 -6.48
N ASP B 496 -2.89 -17.17 -6.25
CA ASP B 496 -4.26 -16.84 -6.64
C ASP B 496 -4.43 -16.52 -8.13
N GLY B 497 -3.33 -16.18 -8.81
CA GLY B 497 -3.42 -15.89 -10.23
C GLY B 497 -2.97 -14.50 -10.61
N ARG B 498 -2.54 -13.73 -9.62
CA ARG B 498 -2.08 -12.37 -9.87
C ARG B 498 -0.85 -12.46 -10.76
N ARG B 499 -0.74 -11.55 -11.73
CA ARG B 499 0.39 -11.58 -12.63
C ARG B 499 1.26 -10.35 -12.63
N LEU B 500 2.55 -10.57 -12.86
CA LEU B 500 3.50 -9.48 -12.97
C LEU B 500 4.19 -9.68 -14.31
N TYR B 501 3.83 -8.83 -15.27
CA TYR B 501 4.41 -8.91 -16.59
C TYR B 501 5.83 -8.39 -16.54
N LEU B 502 6.74 -9.19 -17.08
CA LEU B 502 8.16 -8.85 -17.10
C LEU B 502 8.61 -8.62 -18.55
N PRO B 503 8.38 -7.40 -19.06
CA PRO B 503 8.75 -7.00 -20.43
C PRO B 503 10.23 -7.05 -20.75
N ASP B 504 11.07 -6.74 -19.76
CA ASP B 504 12.51 -6.75 -19.95
C ASP B 504 13.13 -8.10 -19.64
N ILE B 505 12.30 -9.13 -19.62
CA ILE B 505 12.76 -10.49 -19.32
C ILE B 505 13.68 -11.01 -20.43
N LYS B 506 13.73 -10.27 -21.53
CA LYS B 506 14.56 -10.61 -22.69
C LYS B 506 14.97 -9.28 -23.30
N SER B 507 15.49 -8.40 -22.45
CA SER B 507 15.90 -7.06 -22.85
C SER B 507 17.20 -6.91 -23.63
N SER B 508 18.01 -7.95 -23.67
CA SER B 508 19.29 -7.88 -24.37
C SER B 508 20.14 -6.79 -23.73
N ASN B 509 19.63 -6.24 -22.63
CA ASN B 509 20.30 -5.20 -21.87
C ASN B 509 20.92 -5.92 -20.66
N GLY B 510 21.91 -5.30 -20.04
CA GLY B 510 22.57 -5.91 -18.90
C GLY B 510 21.75 -5.89 -17.62
N ALA B 511 21.96 -4.84 -16.83
CA ALA B 511 21.27 -4.69 -15.55
C ALA B 511 19.76 -4.81 -15.69
N ARG B 512 19.19 -4.00 -16.57
CA ARG B 512 17.75 -3.99 -16.81
C ARG B 512 17.13 -5.37 -16.89
N ARG B 513 17.81 -6.30 -17.56
CA ARG B 513 17.29 -7.65 -17.69
C ARG B 513 17.57 -8.48 -16.43
N ALA B 514 18.67 -8.17 -15.76
CA ALA B 514 19.01 -8.87 -14.53
C ALA B 514 17.91 -8.54 -13.54
N ALA B 515 17.51 -7.27 -13.55
CA ALA B 515 16.45 -6.77 -12.68
C ALA B 515 15.16 -7.53 -12.94
N ALA B 516 14.87 -7.79 -14.21
CA ALA B 516 13.66 -8.51 -14.58
C ALA B 516 13.66 -9.93 -14.04
N GLU B 517 14.81 -10.61 -14.10
CA GLU B 517 14.91 -11.97 -13.61
C GLU B 517 14.72 -12.02 -12.10
N ARG B 518 15.28 -11.03 -11.40
CA ARG B 518 15.11 -10.95 -9.95
C ARG B 518 13.63 -10.78 -9.60
N ALA B 519 12.97 -9.88 -10.32
CA ALA B 519 11.56 -9.62 -10.11
C ALA B 519 10.76 -10.89 -10.35
N ALA B 520 11.24 -11.72 -11.27
CA ALA B 520 10.54 -12.96 -11.60
C ALA B 520 10.48 -13.90 -10.41
N ILE B 521 11.57 -13.95 -9.65
CA ILE B 521 11.65 -14.83 -8.49
C ILE B 521 10.92 -14.27 -7.28
N ASN B 522 11.06 -12.97 -7.06
CA ASN B 522 10.45 -12.29 -5.93
C ASN B 522 8.93 -12.12 -6.01
N ALA B 523 8.45 -11.49 -7.08
CA ALA B 523 7.02 -11.25 -7.26
C ALA B 523 6.06 -12.34 -6.78
N PRO B 524 6.31 -13.61 -7.14
CA PRO B 524 5.45 -14.72 -6.72
C PRO B 524 5.29 -14.90 -5.20
N MET B 525 6.32 -14.52 -4.45
CA MET B 525 6.26 -14.66 -3.01
C MET B 525 5.66 -13.39 -2.41
N GLN B 526 6.15 -12.23 -2.86
CA GLN B 526 5.67 -10.95 -2.37
C GLN B 526 4.22 -10.71 -2.82
N GLY B 527 3.90 -11.22 -4.00
CA GLY B 527 2.57 -11.07 -4.54
C GLY B 527 1.59 -11.98 -3.83
N THR B 528 2.01 -13.18 -3.47
CA THR B 528 1.15 -14.11 -2.76
C THR B 528 0.89 -13.60 -1.33
N ALA B 529 1.85 -12.88 -0.78
CA ALA B 529 1.75 -12.33 0.57
C ALA B 529 0.64 -11.27 0.51
N ALA B 530 0.70 -10.45 -0.54
CA ALA B 530 -0.28 -9.39 -0.77
C ALA B 530 -1.69 -9.96 -0.90
N ASP B 531 -1.86 -11.01 -1.70
CA ASP B 531 -3.17 -11.61 -1.88
C ASP B 531 -3.66 -12.16 -0.55
N ILE B 532 -2.73 -12.71 0.24
CA ILE B 532 -3.09 -13.29 1.52
C ILE B 532 -3.55 -12.20 2.48
N ILE B 533 -2.80 -11.11 2.52
CA ILE B 533 -3.11 -9.98 3.37
C ILE B 533 -4.47 -9.36 3.00
N LYS B 534 -4.72 -9.20 1.70
CA LYS B 534 -5.99 -8.63 1.25
C LYS B 534 -7.14 -9.56 1.58
N ARG B 535 -6.95 -10.86 1.37
CA ARG B 535 -8.00 -11.83 1.70
C ARG B 535 -8.31 -11.82 3.20
N ALA B 536 -7.31 -11.52 4.02
CA ALA B 536 -7.49 -11.45 5.47
C ALA B 536 -8.33 -10.23 5.83
N MET B 537 -8.03 -9.11 5.16
CA MET B 537 -8.75 -7.87 5.39
C MET B 537 -10.22 -8.06 5.04
N ILE B 538 -10.46 -8.73 3.93
CA ILE B 538 -11.82 -9.02 3.48
C ILE B 538 -12.55 -9.93 4.47
N ALA B 539 -11.89 -11.01 4.91
CA ALA B 539 -12.53 -11.92 5.85
C ALA B 539 -12.82 -11.25 7.18
N VAL B 540 -11.85 -10.52 7.72
CA VAL B 540 -12.05 -9.86 9.01
C VAL B 540 -13.12 -8.77 8.89
N ASP B 541 -13.10 -8.01 7.81
CA ASP B 541 -14.09 -6.96 7.63
C ASP B 541 -15.50 -7.54 7.54
N ALA B 542 -15.64 -8.68 6.87
CA ALA B 542 -16.95 -9.34 6.72
C ALA B 542 -17.50 -9.72 8.07
N TRP B 543 -16.64 -10.29 8.92
CA TRP B 543 -17.03 -10.66 10.29
C TRP B 543 -17.45 -9.39 11.03
N LEU B 544 -16.60 -8.36 10.94
CA LEU B 544 -16.85 -7.07 11.58
C LEU B 544 -18.22 -6.51 11.17
N GLN B 545 -18.47 -6.51 9.86
CA GLN B 545 -19.72 -5.99 9.33
C GLN B 545 -20.91 -6.85 9.74
N ALA B 546 -20.70 -8.16 9.85
CA ALA B 546 -21.80 -9.04 10.22
C ALA B 546 -22.08 -9.13 11.71
N GLU B 547 -21.04 -9.34 12.53
CA GLU B 547 -21.22 -9.47 13.98
C GLU B 547 -21.27 -8.14 14.73
N GLN B 548 -20.70 -7.10 14.15
CA GLN B 548 -20.72 -5.77 14.76
C GLN B 548 -20.08 -5.66 16.15
N PRO B 549 -18.91 -6.30 16.36
CA PRO B 549 -18.25 -6.23 17.67
C PRO B 549 -17.67 -4.84 17.93
N ARG B 550 -17.05 -4.67 19.10
CA ARG B 550 -16.45 -3.38 19.45
C ARG B 550 -15.00 -3.29 19.03
N VAL B 551 -14.81 -3.31 17.71
CA VAL B 551 -13.47 -3.23 17.16
C VAL B 551 -13.48 -2.49 15.83
N ARG B 552 -12.42 -1.74 15.58
CA ARG B 552 -12.25 -1.01 14.33
C ARG B 552 -10.93 -1.44 13.73
N MET B 553 -10.92 -1.79 12.45
CA MET B 553 -9.65 -2.12 11.82
C MET B 553 -9.15 -0.74 11.42
N ILE B 554 -7.97 -0.37 11.91
CA ILE B 554 -7.45 0.96 11.62
C ILE B 554 -6.22 1.11 10.72
N MET B 555 -5.46 0.03 10.52
CA MET B 555 -4.26 0.08 9.67
C MET B 555 -3.89 -1.26 9.06
N GLN B 556 -3.12 -1.17 8.00
CA GLN B 556 -2.59 -2.33 7.30
C GLN B 556 -1.20 -1.81 6.94
N VAL B 557 -0.16 -2.46 7.42
CA VAL B 557 1.19 -2.03 7.15
C VAL B 557 2.06 -3.30 7.08
N HIS B 558 2.83 -3.42 6.00
CA HIS B 558 3.70 -4.58 5.81
C HIS B 558 2.83 -5.83 5.88
N ASP B 559 3.12 -6.73 6.80
CA ASP B 559 2.31 -7.94 6.89
C ASP B 559 1.39 -7.98 8.10
N GLU B 560 1.08 -6.82 8.68
CA GLU B 560 0.22 -6.79 9.85
C GLU B 560 -1.06 -6.00 9.64
N LEU B 561 -2.08 -6.35 10.42
CA LEU B 561 -3.38 -5.65 10.40
C LEU B 561 -3.49 -5.11 11.82
N VAL B 562 -3.87 -3.84 11.94
CA VAL B 562 -3.99 -3.19 13.24
C VAL B 562 -5.43 -2.79 13.60
N PHE B 563 -5.79 -2.97 14.87
CA PHE B 563 -7.15 -2.66 15.31
C PHE B 563 -7.21 -1.93 16.64
N GLU B 564 -8.39 -1.41 16.93
CA GLU B 564 -8.69 -0.81 18.23
C GLU B 564 -9.71 -1.84 18.72
N VAL B 565 -9.52 -2.36 19.93
CA VAL B 565 -10.45 -3.35 20.47
C VAL B 565 -10.86 -2.97 21.89
N HIS B 566 -12.14 -3.09 22.21
CA HIS B 566 -12.57 -2.73 23.54
C HIS B 566 -11.82 -3.59 24.55
N LYS B 567 -11.34 -2.95 25.62
CA LYS B 567 -10.56 -3.65 26.63
C LYS B 567 -11.24 -4.88 27.22
N ASP B 568 -12.57 -4.89 27.26
CA ASP B 568 -13.27 -6.04 27.82
C ASP B 568 -13.57 -7.15 26.81
N ASP B 569 -13.22 -6.94 25.55
CA ASP B 569 -13.48 -7.96 24.51
C ASP B 569 -12.20 -8.52 23.90
N VAL B 570 -11.07 -7.99 24.35
CA VAL B 570 -9.75 -8.39 23.85
C VAL B 570 -9.47 -9.87 23.56
N ASP B 571 -9.68 -10.73 24.55
CA ASP B 571 -9.40 -12.16 24.36
C ASP B 571 -10.29 -12.84 23.35
N ALA B 572 -11.59 -12.62 23.44
CA ALA B 572 -12.51 -13.23 22.49
C ALA B 572 -12.21 -12.70 21.09
N VAL B 573 -11.84 -11.43 21.00
CA VAL B 573 -11.55 -10.81 19.71
C VAL B 573 -10.19 -11.22 19.17
N ALA B 574 -9.19 -11.28 20.04
CA ALA B 574 -7.86 -11.66 19.62
C ALA B 574 -7.93 -13.07 19.02
N LYS B 575 -8.71 -13.93 19.64
CA LYS B 575 -8.90 -15.30 19.19
C LYS B 575 -9.53 -15.35 17.79
N GLN B 576 -10.62 -14.59 17.64
CA GLN B 576 -11.34 -14.56 16.39
C GLN B 576 -10.50 -14.01 15.23
N ILE B 577 -9.76 -12.93 15.48
CA ILE B 577 -8.90 -12.30 14.47
C ILE B 577 -7.87 -13.33 14.05
N HIS B 578 -7.30 -14.01 15.04
CA HIS B 578 -6.30 -15.02 14.82
C HIS B 578 -6.81 -16.14 13.91
N GLN B 579 -7.97 -16.70 14.23
CA GLN B 579 -8.51 -17.78 13.40
C GLN B 579 -8.85 -17.36 11.98
N LEU B 580 -9.47 -16.18 11.84
CA LEU B 580 -9.85 -15.68 10.53
C LEU B 580 -8.65 -15.52 9.61
N MET B 581 -7.61 -14.87 10.13
CA MET B 581 -6.41 -14.62 9.37
C MET B 581 -5.58 -15.83 8.93
N GLU B 582 -5.38 -16.80 9.81
CA GLU B 582 -4.60 -17.96 9.41
C GLU B 582 -5.44 -19.18 9.01
N ASN B 583 -6.76 -19.07 9.09
CA ASN B 583 -7.62 -20.18 8.70
C ASN B 583 -8.71 -19.82 7.70
N CYS B 584 -8.91 -18.53 7.42
CA CYS B 584 -9.97 -18.14 6.49
C CYS B 584 -9.43 -17.42 5.27
N THR B 585 -8.18 -17.74 4.94
CA THR B 585 -7.49 -17.17 3.78
C THR B 585 -7.08 -18.38 2.94
N ARG B 586 -5.81 -18.48 2.55
CA ARG B 586 -5.36 -19.63 1.77
C ARG B 586 -5.00 -20.76 2.74
N LEU B 587 -5.39 -21.99 2.41
CA LEU B 587 -5.12 -23.14 3.27
C LEU B 587 -3.87 -23.92 2.84
N ASP B 588 -3.18 -23.44 1.82
CA ASP B 588 -2.01 -24.16 1.33
C ASP B 588 -0.67 -23.69 1.87
N VAL B 589 -0.56 -22.39 2.13
CA VAL B 589 0.67 -21.85 2.68
C VAL B 589 0.63 -22.00 4.21
N PRO B 590 1.72 -22.53 4.82
CA PRO B 590 1.77 -22.70 6.28
C PRO B 590 1.83 -21.32 6.91
N LEU B 591 0.69 -20.83 7.39
CA LEU B 591 0.63 -19.49 7.97
C LEU B 591 0.60 -19.44 9.49
N LEU B 592 1.29 -18.45 10.05
CA LEU B 592 1.34 -18.23 11.48
C LEU B 592 1.02 -16.76 11.76
N VAL B 593 -0.01 -16.53 12.57
CA VAL B 593 -0.37 -15.17 12.91
C VAL B 593 0.00 -14.84 14.36
N GLU B 594 0.85 -13.83 14.52
CA GLU B 594 1.30 -13.40 15.83
C GLU B 594 0.36 -12.25 16.26
N VAL B 595 -0.29 -12.40 17.41
CA VAL B 595 -1.22 -11.38 17.88
C VAL B 595 -0.78 -10.78 19.21
N GLY B 596 -0.65 -9.45 19.24
CA GLY B 596 -0.25 -8.76 20.45
C GLY B 596 -1.17 -7.56 20.74
N SER B 597 -1.18 -7.10 21.98
CA SER B 597 -2.04 -5.97 22.34
C SER B 597 -1.34 -5.04 23.33
N GLY B 598 -1.83 -3.81 23.42
CA GLY B 598 -1.25 -2.82 24.32
C GLY B 598 -1.96 -1.49 24.23
N GLU B 599 -1.48 -0.51 25.00
CA GLU B 599 -2.08 0.82 25.02
C GLU B 599 -1.78 1.61 23.75
N ASN B 600 -0.73 1.21 23.06
CA ASN B 600 -0.38 1.87 21.80
C ASN B 600 0.18 0.86 20.83
N TRP B 601 0.45 1.30 19.60
CA TRP B 601 0.95 0.44 18.55
C TRP B 601 2.30 -0.21 18.86
N ASP B 602 3.16 0.49 19.59
CA ASP B 602 4.46 -0.07 19.93
C ASP B 602 4.28 -1.21 20.93
N GLN B 603 3.43 -0.98 21.94
CA GLN B 603 3.14 -2.00 22.94
C GLN B 603 2.58 -3.29 22.34
N ALA B 604 1.82 -3.15 21.27
CA ALA B 604 1.21 -4.30 20.62
C ALA B 604 2.06 -4.91 19.52
N HIS B 605 2.86 -4.05 18.89
CA HIS B 605 3.74 -4.45 17.79
C HIS B 605 4.71 -5.51 18.27
ZN ZN C . -3.25 -20.65 15.15
S SO4 D . 13.85 -12.10 13.15
O1 SO4 D . 13.59 -11.88 11.73
O2 SO4 D . 14.24 -13.50 13.39
O3 SO4 D . 12.62 -11.88 13.91
O4 SO4 D . 14.91 -11.17 13.58
S SO4 E . -21.75 -5.17 -2.68
O1 SO4 E . -21.46 -5.56 -4.06
O2 SO4 E . -21.14 -3.85 -2.48
O3 SO4 E . -21.23 -6.19 -1.75
O4 SO4 E . -23.18 -5.06 -2.47
S SO4 F . -41.57 10.18 -4.11
O1 SO4 F . -42.20 8.85 -4.03
O2 SO4 F . -40.66 10.35 -2.99
O3 SO4 F . -42.59 11.23 -4.13
O4 SO4 F . -40.75 10.25 -5.31
#